data_8CIS
#
_entry.id   8CIS
#
_cell.length_a   79.714
_cell.length_b   37.263
_cell.length_c   81.530
_cell.angle_alpha   90.000
_cell.angle_beta   108.150
_cell.angle_gamma   90.000
#
_symmetry.space_group_name_H-M   'P 1 2 1'
#
loop_
_entity.id
_entity.type
_entity.pdbx_description
1 polymer Moesin
2 polymer C3P
3 polymer C3S1
4 polymer 'Unknown peptide'
5 non-polymer 'ACETATE ION'
6 non-polymer 'SULFATE ION'
7 non-polymer 1,2-ETHANEDIOL
8 water water
#
loop_
_entity_poly.entity_id
_entity_poly.type
_entity_poly.pdbx_seq_one_letter_code
_entity_poly.pdbx_strand_id
1 'polypeptide(L)'
;SMPKTISVRVTTMDAELEFAIQPNTTGKQLFDQVVKTIGLREVWFFGLQYQDTKGFSTWLKLNKKVTAQDVRKESPLLFK
FRAKFYPEDVSEELIQDITQRLFFLQVKEGILNDDIYCPPETAVLLASYAVQSKYGDFNKEVHKSGYLAGDKLLPQRVLE
QHKLNKDQWEERIQVWHEEHRGMLREDAVLEYLKIAQDLEMYGVNYFSIKNKKGSELWLGVDALGLNIYEQNDRLTPKIG
FPWSEIRNISFNDKKFVIKPIDKKAPDFVFYAPRLRINKRILALCMGNHELYMRRRKPDTIEVQQMKAQAREEKHQKQME
RAMLENEKKKREMAEKEKEKIEREKEE
;
A
2 'polypeptide(L)' EDGGSWKYPDAFELSG B
3 'polypeptide(L)' EDGGSSWEYIWTLPSG C
4 'polypeptide(L)' AAAAAG D
#
# COMPACT_ATOMS: atom_id res chain seq x y z
N PRO A 3 29.61 -14.15 10.60
CA PRO A 3 29.65 -13.86 9.17
C PRO A 3 28.50 -12.96 8.70
N LYS A 4 28.49 -11.69 9.16
CA LYS A 4 27.48 -10.70 8.77
C LYS A 4 28.12 -9.60 7.92
N THR A 5 28.13 -9.83 6.62
CA THR A 5 29.02 -9.09 5.74
C THR A 5 28.23 -8.20 4.80
N ILE A 6 26.87 -8.21 4.86
CA ILE A 6 26.06 -7.41 3.93
C ILE A 6 25.35 -6.32 4.72
N SER A 7 25.80 -5.08 4.51
CA SER A 7 25.28 -3.84 5.09
C SER A 7 23.93 -3.48 4.45
N VAL A 8 22.89 -3.35 5.28
CA VAL A 8 21.54 -2.98 4.79
C VAL A 8 21.05 -1.75 5.54
N ARG A 9 20.18 -0.96 4.87
CA ARG A 9 19.42 0.07 5.52
CA ARG A 9 19.41 0.09 5.51
C ARG A 9 17.95 -0.13 5.12
N VAL A 10 17.10 -0.29 6.15
CA VAL A 10 15.65 -0.44 6.02
C VAL A 10 14.98 0.78 6.65
N THR A 11 14.12 1.49 5.88
CA THR A 11 13.43 2.65 6.42
C THR A 11 11.94 2.32 6.45
N THR A 12 11.33 2.55 7.60
CA THR A 12 9.87 2.53 7.69
C THR A 12 9.39 3.97 7.51
N MET A 13 8.09 4.21 7.63
CA MET A 13 7.59 5.57 7.52
C MET A 13 8.15 6.48 8.60
N ASP A 14 8.65 5.94 9.72
CA ASP A 14 9.23 6.86 10.68
C ASP A 14 10.39 6.27 11.49
N ALA A 15 11.04 5.27 10.92
CA ALA A 15 12.29 4.86 11.55
C ALA A 15 13.29 4.48 10.47
N GLU A 16 14.56 4.51 10.85
CA GLU A 16 15.63 4.06 10.01
C GLU A 16 16.47 3.03 10.77
N LEU A 17 16.60 1.84 10.18
CA LEU A 17 17.39 0.73 10.73
C LEU A 17 18.62 0.49 9.84
N GLU A 18 19.80 0.33 10.45
CA GLU A 18 21.04 0.07 9.73
C GLU A 18 21.72 -1.10 10.42
N PHE A 19 21.94 -2.19 9.71
CA PHE A 19 22.54 -3.39 10.28
C PHE A 19 23.11 -4.22 9.15
N ALA A 20 23.76 -5.34 9.54
CA ALA A 20 24.36 -6.24 8.57
C ALA A 20 23.63 -7.58 8.61
N ILE A 21 23.61 -8.23 7.43
CA ILE A 21 23.09 -9.57 7.31
C ILE A 21 24.19 -10.48 6.74
N GLN A 22 23.98 -11.77 7.02
CA GLN A 22 24.72 -12.89 6.43
C GLN A 22 24.41 -13.02 4.94
N PRO A 23 25.39 -13.42 4.09
CA PRO A 23 25.15 -13.53 2.65
C PRO A 23 24.05 -14.54 2.23
N ASN A 24 23.68 -15.48 3.10
CA ASN A 24 22.65 -16.47 2.76
C ASN A 24 21.25 -16.06 3.29
N THR A 25 21.15 -14.86 3.88
CA THR A 25 19.90 -14.38 4.48
C THR A 25 18.77 -14.36 3.43
N THR A 26 17.63 -15.04 3.73
CA THR A 26 16.45 -14.98 2.88
C THR A 26 15.69 -13.67 3.17
N GLY A 27 14.85 -13.32 2.18
CA GLY A 27 13.93 -12.22 2.34
C GLY A 27 13.17 -12.33 3.66
N LYS A 28 12.60 -13.50 3.95
CA LYS A 28 11.80 -13.69 5.15
C LYS A 28 12.65 -13.37 6.39
N GLN A 29 13.94 -13.76 6.37
CA GLN A 29 14.73 -13.58 7.55
C GLN A 29 14.99 -12.10 7.78
N LEU A 30 15.27 -11.37 6.71
CA LEU A 30 15.44 -9.92 6.76
C LEU A 30 14.14 -9.23 7.26
N PHE A 31 13.02 -9.61 6.66
CA PHE A 31 11.70 -9.11 7.06
C PHE A 31 11.43 -9.34 8.56
N ASP A 32 11.68 -10.58 9.04
CA ASP A 32 11.44 -10.95 10.42
C ASP A 32 12.28 -10.11 11.36
N GLN A 33 13.53 -9.77 10.99
CA GLN A 33 14.37 -8.98 11.86
C GLN A 33 13.82 -7.56 11.97
N VAL A 34 13.32 -7.00 10.84
CA VAL A 34 12.76 -5.65 10.84
C VAL A 34 11.50 -5.56 11.73
N VAL A 35 10.57 -6.50 11.56
CA VAL A 35 9.32 -6.43 12.30
C VAL A 35 9.55 -6.66 13.80
N LYS A 36 10.49 -7.56 14.15
CA LYS A 36 10.86 -7.75 15.56
C LYS A 36 11.45 -6.47 16.15
N THR A 37 12.33 -5.83 15.40
CA THR A 37 12.97 -4.64 15.89
C THR A 37 11.96 -3.54 16.20
N ILE A 38 10.96 -3.36 15.32
CA ILE A 38 9.99 -2.28 15.46
C ILE A 38 8.78 -2.68 16.31
N GLY A 39 8.61 -3.98 16.55
CA GLY A 39 7.53 -4.49 17.37
C GLY A 39 6.20 -4.52 16.62
N LEU A 40 6.26 -4.87 15.33
CA LEU A 40 5.05 -4.95 14.53
C LEU A 40 4.60 -6.41 14.49
N ARG A 41 3.31 -6.67 14.74
CA ARG A 41 2.81 -8.04 14.75
C ARG A 41 1.86 -8.28 13.58
N GLU A 42 1.18 -7.22 13.10
CA GLU A 42 0.26 -7.37 11.96
C GLU A 42 1.05 -7.35 10.63
N VAL A 43 1.84 -8.40 10.41
CA VAL A 43 2.92 -8.37 9.43
C VAL A 43 2.35 -8.65 8.03
N TRP A 44 1.15 -9.26 7.95
CA TRP A 44 0.59 -9.76 6.70
C TRP A 44 0.43 -8.64 5.69
N PHE A 45 0.26 -7.39 6.14
CA PHE A 45 0.05 -6.30 5.18
C PHE A 45 1.33 -5.86 4.48
N PHE A 46 2.48 -6.23 5.03
CA PHE A 46 3.70 -5.47 4.75
C PHE A 46 4.68 -6.19 3.81
N GLY A 47 5.62 -5.39 3.32
CA GLY A 47 6.70 -5.88 2.46
C GLY A 47 7.90 -4.96 2.46
N LEU A 48 8.96 -5.43 1.81
CA LEU A 48 10.18 -4.67 1.63
C LEU A 48 10.37 -4.32 0.15
N GLN A 49 10.44 -3.04 -0.13
CA GLN A 49 10.59 -2.58 -1.50
CA GLN A 49 10.55 -2.50 -1.46
C GLN A 49 12.03 -2.15 -1.69
N TYR A 50 12.55 -2.38 -2.91
CA TYR A 50 13.90 -1.94 -3.24
C TYR A 50 13.91 -1.43 -4.68
N GLN A 51 14.96 -0.68 -5.04
CA GLN A 51 15.15 -0.20 -6.41
C GLN A 51 16.03 -1.22 -7.13
N ASP A 52 15.50 -1.83 -8.19
CA ASP A 52 16.32 -2.73 -8.98
C ASP A 52 17.43 -1.95 -9.72
N THR A 53 18.23 -2.66 -10.51
CA THR A 53 19.37 -2.07 -11.20
C THR A 53 18.94 -1.00 -12.22
N LYS A 54 17.76 -1.16 -12.85
CA LYS A 54 17.20 -0.15 -13.76
C LYS A 54 16.44 0.97 -13.01
N GLY A 55 16.29 0.87 -11.69
CA GLY A 55 15.65 1.92 -10.91
C GLY A 55 14.13 1.75 -10.87
N PHE A 56 13.65 0.53 -11.04
CA PHE A 56 12.26 0.19 -10.82
C PHE A 56 12.05 -0.30 -9.37
N SER A 57 10.99 0.20 -8.74
CA SER A 57 10.58 -0.26 -7.43
C SER A 57 10.07 -1.69 -7.52
N THR A 58 10.59 -2.55 -6.66
CA THR A 58 10.31 -3.99 -6.69
C THR A 58 10.10 -4.48 -5.25
N TRP A 59 9.15 -5.42 -5.06
CA TRP A 59 8.94 -6.08 -3.77
C TRP A 59 9.95 -7.21 -3.64
N LEU A 60 10.66 -7.24 -2.53
CA LEU A 60 11.49 -8.39 -2.16
C LEU A 60 10.64 -9.64 -2.00
N LYS A 61 11.06 -10.75 -2.65
CA LYS A 61 10.42 -12.04 -2.45
C LYS A 61 10.97 -12.65 -1.17
N LEU A 62 10.07 -13.03 -0.24
CA LEU A 62 10.52 -13.49 1.08
C LEU A 62 10.98 -14.95 1.01
N ASN A 63 10.65 -15.65 -0.09
CA ASN A 63 11.05 -17.04 -0.24
C ASN A 63 12.31 -17.19 -1.11
N LYS A 64 13.11 -16.12 -1.27
CA LYS A 64 14.37 -16.21 -2.00
C LYS A 64 15.46 -15.47 -1.22
N LYS A 65 16.73 -15.82 -1.46
CA LYS A 65 17.79 -15.12 -0.76
C LYS A 65 17.78 -13.69 -1.25
N VAL A 66 18.21 -12.77 -0.39
CA VAL A 66 18.24 -11.36 -0.71
C VAL A 66 19.19 -11.10 -1.89
N THR A 67 20.36 -11.74 -1.87
CA THR A 67 21.44 -11.43 -2.82
C THR A 67 21.16 -12.05 -4.17
N ALA A 68 20.29 -13.07 -4.20
CA ALA A 68 19.82 -13.72 -5.42
C ALA A 68 18.77 -12.89 -6.18
N GLN A 69 18.34 -11.74 -5.63
CA GLN A 69 17.31 -10.94 -6.27
C GLN A 69 17.98 -9.71 -6.83
N ASP A 70 17.28 -9.04 -7.75
CA ASP A 70 17.84 -8.03 -8.64
C ASP A 70 18.15 -6.74 -7.86
N VAL A 71 18.61 -6.87 -6.60
CA VAL A 71 18.95 -5.68 -5.85
C VAL A 71 20.22 -5.09 -6.47
N ARG A 72 20.42 -3.79 -6.25
CA ARG A 72 21.52 -3.06 -6.84
C ARG A 72 22.86 -3.49 -6.23
N LYS A 73 23.95 -2.93 -6.78
CA LYS A 73 25.29 -3.12 -6.25
C LYS A 73 25.72 -1.81 -5.61
N GLU A 74 25.06 -1.46 -4.51
CA GLU A 74 25.51 -0.39 -3.65
C GLU A 74 25.70 -0.97 -2.24
N SER A 75 26.26 -0.14 -1.36
CA SER A 75 26.42 -0.53 0.03
C SER A 75 26.24 0.73 0.86
N PRO A 76 25.30 0.75 1.83
CA PRO A 76 24.38 -0.38 2.09
C PRO A 76 23.31 -0.62 1.02
N LEU A 77 22.83 -1.87 0.90
CA LEU A 77 21.56 -2.13 0.20
C LEU A 77 20.44 -1.35 0.91
N LEU A 78 19.55 -0.78 0.10
CA LEU A 78 18.51 0.12 0.57
C LEU A 78 17.13 -0.51 0.36
N PHE A 79 16.36 -0.56 1.46
CA PHE A 79 14.99 -1.09 1.41
C PHE A 79 14.04 -0.13 2.10
N LYS A 80 12.78 -0.07 1.60
CA LYS A 80 11.67 0.56 2.27
C LYS A 80 10.66 -0.47 2.75
N PHE A 81 10.40 -0.39 4.03
CA PHE A 81 9.40 -1.24 4.65
C PHE A 81 8.08 -0.48 4.52
N ARG A 82 7.14 -1.09 3.79
CA ARG A 82 5.90 -0.42 3.41
C ARG A 82 4.73 -1.37 3.49
N ALA A 83 3.52 -0.79 3.66
CA ALA A 83 2.33 -1.59 3.46
C ALA A 83 2.23 -1.93 1.98
N LYS A 84 2.03 -3.20 1.71
CA LYS A 84 1.91 -3.70 0.36
C LYS A 84 0.43 -4.02 0.05
N PHE A 85 -0.26 -4.63 1.03
CA PHE A 85 -1.66 -5.00 0.95
C PHE A 85 -2.50 -4.14 1.90
N TYR A 86 -3.72 -3.75 1.46
CA TYR A 86 -4.55 -2.82 2.19
C TYR A 86 -5.79 -3.56 2.68
N PRO A 87 -6.26 -3.31 3.92
CA PRO A 87 -7.50 -3.94 4.36
C PRO A 87 -8.71 -3.40 3.59
N GLU A 88 -9.78 -4.15 3.66
CA GLU A 88 -11.07 -3.66 3.15
C GLU A 88 -11.71 -2.65 4.11
N ASP A 89 -11.39 -2.72 5.43
CA ASP A 89 -11.86 -1.74 6.42
C ASP A 89 -10.87 -1.56 7.54
N VAL A 90 -10.34 -0.35 7.67
CA VAL A 90 -9.30 -0.06 8.64
C VAL A 90 -9.82 -0.26 10.08
N SER A 91 -11.11 0.02 10.33
CA SER A 91 -11.65 -0.09 11.70
C SER A 91 -11.64 -1.53 12.20
N GLU A 92 -12.06 -2.45 11.34
CA GLU A 92 -12.08 -3.87 11.67
C GLU A 92 -10.70 -4.54 11.63
N GLU A 93 -9.75 -4.03 10.81
CA GLU A 93 -8.59 -4.83 10.47
C GLU A 93 -7.23 -4.26 10.89
N LEU A 94 -7.08 -2.95 11.14
CA LEU A 94 -5.83 -2.46 11.69
C LEU A 94 -5.99 -2.38 13.23
N ILE A 95 -5.47 -3.38 13.94
CA ILE A 95 -5.81 -3.56 15.37
C ILE A 95 -4.92 -2.71 16.26
N GLN A 96 -3.60 -2.75 16.02
CA GLN A 96 -2.65 -2.09 16.91
C GLN A 96 -2.30 -0.68 16.47
N ASP A 97 -1.89 0.13 17.47
CA ASP A 97 -1.53 1.52 17.22
C ASP A 97 -0.37 1.64 16.21
N ILE A 98 0.64 0.77 16.29
CA ILE A 98 1.77 0.89 15.36
C ILE A 98 1.30 0.67 13.91
N THR A 99 0.44 -0.32 13.71
CA THR A 99 -0.05 -0.66 12.39
C THR A 99 -0.83 0.53 11.83
N GLN A 100 -1.69 1.10 12.69
CA GLN A 100 -2.51 2.23 12.29
C GLN A 100 -1.58 3.38 11.90
N ARG A 101 -0.56 3.62 12.70
CA ARG A 101 0.34 4.74 12.45
C ARG A 101 1.11 4.55 11.13
N LEU A 102 1.62 3.33 10.90
CA LEU A 102 2.37 3.10 9.67
C LEU A 102 1.49 3.30 8.43
N PHE A 103 0.23 2.84 8.47
CA PHE A 103 -0.68 3.06 7.34
C PHE A 103 -0.99 4.53 7.18
N PHE A 104 -1.28 5.21 8.31
CA PHE A 104 -1.59 6.63 8.30
C PHE A 104 -0.46 7.39 7.61
N LEU A 105 0.81 7.16 8.03
CA LEU A 105 1.88 7.97 7.48
C LEU A 105 2.08 7.70 5.99
N GLN A 106 1.94 6.44 5.58
CA GLN A 106 2.16 6.06 4.18
C GLN A 106 1.05 6.66 3.30
N VAL A 107 -0.19 6.49 3.75
CA VAL A 107 -1.34 6.99 3.00
C VAL A 107 -1.27 8.51 2.93
N LYS A 108 -0.98 9.19 4.05
CA LYS A 108 -0.84 10.62 4.07
C LYS A 108 0.26 11.09 3.11
N GLU A 109 1.38 10.38 3.10
CA GLU A 109 2.44 10.78 2.15
C GLU A 109 1.95 10.75 0.70
N GLY A 110 1.17 9.71 0.35
CA GLY A 110 0.64 9.58 -1.00
C GLY A 110 -0.37 10.65 -1.36
N ILE A 111 -1.18 11.03 -0.37
CA ILE A 111 -2.16 12.09 -0.61
CA ILE A 111 -2.18 12.12 -0.46
C ILE A 111 -1.42 13.41 -0.77
N LEU A 112 -0.45 13.71 0.08
CA LEU A 112 0.20 15.00 0.01
C LEU A 112 1.10 15.07 -1.23
N ASN A 113 1.60 13.91 -1.74
CA ASN A 113 2.43 13.89 -2.92
C ASN A 113 1.62 13.75 -4.21
N ASP A 114 0.27 13.72 -4.13
CA ASP A 114 -0.60 13.65 -5.30
C ASP A 114 -0.49 12.29 -5.99
N ASP A 115 0.00 11.24 -5.29
CA ASP A 115 -0.05 9.87 -5.81
C ASP A 115 -1.48 9.33 -5.72
N ILE A 116 -2.15 9.69 -4.62
CA ILE A 116 -3.54 9.30 -4.40
C ILE A 116 -4.39 10.57 -4.53
N TYR A 117 -5.21 10.65 -5.56
CA TYR A 117 -6.04 11.81 -5.82
C TYR A 117 -6.99 11.96 -4.62
N CYS A 118 -7.20 13.23 -4.28
CA CYS A 118 -8.12 13.66 -3.27
CA CYS A 118 -8.33 13.57 -3.42
C CYS A 118 -8.78 14.97 -3.75
N PRO A 119 -10.10 15.13 -3.80
CA PRO A 119 -10.71 16.42 -4.08
C PRO A 119 -10.41 17.40 -2.91
N PRO A 120 -10.50 18.73 -3.16
CA PRO A 120 -10.14 19.72 -2.13
C PRO A 120 -10.87 19.58 -0.79
N GLU A 121 -12.18 19.33 -0.81
CA GLU A 121 -12.91 19.24 0.43
C GLU A 121 -12.42 18.07 1.29
N THR A 122 -12.17 16.92 0.62
CA THR A 122 -11.61 15.78 1.35
C THR A 122 -10.23 16.10 1.88
N ALA A 123 -9.42 16.83 1.09
CA ALA A 123 -8.09 17.18 1.52
C ALA A 123 -8.13 17.99 2.83
N VAL A 124 -9.10 18.91 2.87
CA VAL A 124 -9.26 19.77 4.02
C VAL A 124 -9.69 18.95 5.23
N LEU A 125 -10.69 18.08 5.06
CA LEU A 125 -11.08 17.25 6.18
C LEU A 125 -9.93 16.36 6.67
N LEU A 126 -9.23 15.66 5.74
CA LEU A 126 -8.06 14.89 6.11
C LEU A 126 -7.04 15.74 6.88
N ALA A 127 -6.70 16.94 6.38
CA ALA A 127 -5.74 17.81 7.07
C ALA A 127 -6.22 18.10 8.49
N SER A 128 -7.53 18.32 8.69
CA SER A 128 -8.03 18.61 10.04
C SER A 128 -7.76 17.48 11.01
N TYR A 129 -7.87 16.22 10.58
CA TYR A 129 -7.56 15.10 11.43
C TYR A 129 -6.06 14.93 11.67
N ALA A 130 -5.24 15.19 10.63
CA ALA A 130 -3.80 15.16 10.79
C ALA A 130 -3.36 16.20 11.85
N VAL A 131 -3.95 17.39 11.79
CA VAL A 131 -3.72 18.47 12.74
C VAL A 131 -4.16 18.05 14.14
N GLN A 132 -5.35 17.45 14.30
CA GLN A 132 -5.74 16.99 15.63
C GLN A 132 -4.73 15.97 16.18
N SER A 133 -4.27 15.05 15.32
CA SER A 133 -3.31 14.04 15.77
C SER A 133 -1.98 14.69 16.19
N LYS A 134 -1.53 15.70 15.47
CA LYS A 134 -0.24 16.32 15.71
C LYS A 134 -0.26 17.33 16.87
N TYR A 135 -1.32 18.11 16.97
CA TYR A 135 -1.33 19.28 17.85
C TYR A 135 -2.25 19.08 19.04
N GLY A 136 -3.03 18.00 19.00
CA GLY A 136 -4.11 17.85 19.94
C GLY A 136 -5.19 18.91 19.73
N ASP A 137 -5.93 19.19 20.82
CA ASP A 137 -7.08 20.07 20.78
C ASP A 137 -6.70 21.48 20.31
N PHE A 138 -7.59 22.07 19.51
CA PHE A 138 -7.47 23.48 19.16
C PHE A 138 -7.64 24.30 20.45
N ASN A 139 -6.77 25.28 20.64
CA ASN A 139 -6.70 26.08 21.86
C ASN A 139 -6.53 27.53 21.41
N LYS A 140 -7.60 28.33 21.52
CA LYS A 140 -7.61 29.72 21.04
C LYS A 140 -6.48 30.56 21.67
N GLU A 141 -6.09 30.20 22.91
CA GLU A 141 -5.01 30.85 23.65
C GLU A 141 -3.66 30.66 22.95
N VAL A 142 -3.44 29.46 22.39
CA VAL A 142 -2.15 29.04 21.87
C VAL A 142 -2.17 29.08 20.34
N HIS A 143 -3.23 28.51 19.75
CA HIS A 143 -3.35 28.34 18.31
C HIS A 143 -3.89 29.63 17.71
N LYS A 144 -2.99 30.62 17.65
CA LYS A 144 -3.23 31.91 17.03
C LYS A 144 -3.19 31.76 15.51
N SER A 145 -3.69 32.79 14.81
CA SER A 145 -3.60 32.90 13.37
C SER A 145 -2.15 32.70 12.89
N GLY A 146 -1.96 31.72 11.98
CA GLY A 146 -0.65 31.32 11.47
C GLY A 146 -0.10 30.06 12.15
N TYR A 147 -0.85 29.44 13.08
CA TYR A 147 -0.37 28.29 13.84
C TYR A 147 -0.06 27.09 12.94
N LEU A 148 -0.60 27.08 11.71
CA LEU A 148 -0.41 25.96 10.77
C LEU A 148 0.57 26.30 9.63
N ALA A 149 1.19 27.49 9.70
CA ALA A 149 1.95 28.07 8.60
C ALA A 149 3.17 27.23 8.20
N GLY A 150 3.79 26.51 9.13
CA GLY A 150 4.97 25.70 8.79
C GLY A 150 4.64 24.40 8.03
N ASP A 151 3.41 23.89 8.25
CA ASP A 151 3.11 22.47 8.06
C ASP A 151 2.83 22.23 6.59
N LYS A 152 3.12 21.02 6.10
CA LYS A 152 2.60 20.58 4.82
C LYS A 152 1.31 19.80 5.08
N LEU A 153 0.18 20.44 4.73
CA LEU A 153 -1.13 19.91 5.12
C LEU A 153 -2.01 19.52 3.94
N LEU A 154 -1.77 20.11 2.76
CA LEU A 154 -2.62 19.84 1.60
C LEU A 154 -1.77 19.44 0.40
N PRO A 155 -2.32 18.63 -0.53
CA PRO A 155 -1.66 18.35 -1.80
C PRO A 155 -1.29 19.64 -2.56
N GLN A 156 -0.11 19.70 -3.21
CA GLN A 156 0.18 20.88 -4.04
C GLN A 156 -0.86 21.15 -5.13
N ARG A 157 -1.43 20.12 -5.72
CA ARG A 157 -2.47 20.32 -6.71
C ARG A 157 -3.61 21.19 -6.15
N VAL A 158 -4.04 20.92 -4.91
CA VAL A 158 -5.09 21.70 -4.27
C VAL A 158 -4.63 23.15 -4.03
N LEU A 159 -3.35 23.35 -3.70
CA LEU A 159 -2.82 24.70 -3.53
C LEU A 159 -2.60 25.35 -4.91
N GLU A 160 -2.14 24.60 -5.91
CA GLU A 160 -1.90 25.20 -7.22
C GLU A 160 -3.22 25.70 -7.80
N GLN A 161 -4.21 24.80 -7.86
CA GLN A 161 -5.30 24.93 -8.81
C GLN A 161 -6.29 25.99 -8.36
N HIS A 162 -6.18 26.49 -7.13
CA HIS A 162 -7.28 27.22 -6.54
C HIS A 162 -6.84 28.67 -6.29
N LYS A 163 -7.81 29.51 -5.89
CA LYS A 163 -7.62 30.96 -5.79
C LYS A 163 -7.80 31.42 -4.35
N LEU A 164 -7.76 30.48 -3.39
CA LEU A 164 -7.42 30.79 -2.01
C LEU A 164 -5.91 31.02 -1.89
N ASN A 165 -5.54 31.88 -0.93
CA ASN A 165 -4.17 32.02 -0.48
CA ASN A 165 -4.18 32.05 -0.47
C ASN A 165 -3.97 31.02 0.65
N LYS A 166 -2.78 31.04 1.27
CA LYS A 166 -2.44 30.09 2.32
C LYS A 166 -3.10 30.41 3.66
N ASP A 167 -3.38 31.69 3.95
CA ASP A 167 -4.14 32.04 5.15
C ASP A 167 -5.57 31.50 5.07
N GLN A 168 -6.13 31.58 3.87
CA GLN A 168 -7.50 31.13 3.64
C GLN A 168 -7.57 29.61 3.73
N TRP A 169 -6.52 28.93 3.24
CA TRP A 169 -6.44 27.49 3.42
C TRP A 169 -6.35 27.10 4.88
N GLU A 170 -5.57 27.82 5.70
CA GLU A 170 -5.49 27.52 7.12
C GLU A 170 -6.85 27.63 7.80
N GLU A 171 -7.64 28.67 7.45
CA GLU A 171 -8.96 28.89 7.99
C GLU A 171 -9.88 27.72 7.62
N ARG A 172 -9.78 27.25 6.36
CA ARG A 172 -10.54 26.08 5.91
CA ARG A 172 -10.58 26.10 5.94
C ARG A 172 -10.31 24.92 6.87
N ILE A 173 -9.04 24.68 7.23
CA ILE A 173 -8.67 23.53 8.05
C ILE A 173 -9.01 23.78 9.53
N GLN A 174 -8.71 25.01 10.02
CA GLN A 174 -8.89 25.41 11.41
CA GLN A 174 -8.89 25.35 11.43
C GLN A 174 -10.32 25.11 11.89
N VAL A 175 -11.32 25.46 11.05
CA VAL A 175 -12.68 25.30 11.53
C VAL A 175 -12.98 23.85 11.83
N TRP A 176 -12.46 22.93 10.99
CA TRP A 176 -12.67 21.51 11.27
C TRP A 176 -11.80 21.03 12.42
N HIS A 177 -10.57 21.55 12.55
CA HIS A 177 -9.73 21.22 13.70
C HIS A 177 -10.52 21.49 15.00
N GLU A 178 -11.15 22.67 15.05
CA GLU A 178 -11.90 23.06 16.25
CA GLU A 178 -11.90 23.05 16.26
C GLU A 178 -13.07 22.08 16.49
N GLU A 179 -13.72 21.58 15.41
CA GLU A 179 -14.79 20.60 15.55
C GLU A 179 -14.35 19.31 16.23
N HIS A 180 -13.07 18.93 16.15
CA HIS A 180 -12.62 17.64 16.68
C HIS A 180 -12.20 17.73 18.15
N ARG A 181 -12.50 18.85 18.81
CA ARG A 181 -12.05 19.04 20.18
C ARG A 181 -12.48 17.85 21.04
N GLY A 182 -11.54 17.31 21.82
CA GLY A 182 -11.83 16.17 22.68
C GLY A 182 -11.44 14.82 22.09
N MET A 183 -11.18 14.80 20.76
CA MET A 183 -10.76 13.56 20.11
C MET A 183 -9.33 13.16 20.51
N LEU A 184 -9.16 11.90 20.92
CA LEU A 184 -7.86 11.30 21.16
C LEU A 184 -7.05 11.31 19.85
N ARG A 185 -5.75 11.60 19.98
CA ARG A 185 -4.90 11.74 18.82
C ARG A 185 -4.97 10.44 17.98
N GLU A 186 -4.97 9.28 18.63
CA GLU A 186 -5.06 8.02 17.88
C GLU A 186 -6.40 7.85 17.16
N ASP A 187 -7.48 8.41 17.71
CA ASP A 187 -8.79 8.30 17.07
C ASP A 187 -8.82 9.19 15.83
N ALA A 188 -8.08 10.33 15.90
CA ALA A 188 -7.95 11.23 14.76
C ALA A 188 -7.24 10.51 13.61
N VAL A 189 -6.22 9.69 13.93
CA VAL A 189 -5.50 8.92 12.89
C VAL A 189 -6.47 7.91 12.27
N LEU A 190 -7.29 7.25 13.10
CA LEU A 190 -8.27 6.31 12.56
C LEU A 190 -9.31 7.01 11.66
N GLU A 191 -9.75 8.22 12.05
CA GLU A 191 -10.73 8.97 11.28
C GLU A 191 -10.13 9.39 9.95
N TYR A 192 -8.85 9.77 9.94
CA TYR A 192 -8.12 10.06 8.71
C TYR A 192 -8.24 8.86 7.79
N LEU A 193 -7.85 7.67 8.28
CA LEU A 193 -7.84 6.47 7.44
C LEU A 193 -9.23 6.08 6.96
N LYS A 194 -10.24 6.25 7.83
CA LYS A 194 -11.62 6.01 7.41
C LYS A 194 -12.06 6.84 6.21
N ILE A 195 -11.67 8.10 6.18
CA ILE A 195 -11.97 8.95 5.04
C ILE A 195 -11.17 8.50 3.83
N ALA A 196 -9.85 8.28 4.04
CA ALA A 196 -8.94 8.00 2.91
C ALA A 196 -9.28 6.70 2.22
N GLN A 197 -9.79 5.72 2.97
CA GLN A 197 -9.98 4.39 2.38
C GLN A 197 -11.11 4.34 1.37
N ASP A 198 -11.95 5.42 1.33
CA ASP A 198 -13.03 5.53 0.35
C ASP A 198 -12.60 6.27 -0.91
N LEU A 199 -11.37 6.77 -0.99
CA LEU A 199 -10.90 7.40 -2.19
C LEU A 199 -10.72 6.38 -3.32
N GLU A 200 -11.02 6.81 -4.56
CA GLU A 200 -11.01 5.93 -5.73
C GLU A 200 -9.61 5.30 -5.91
N MET A 201 -8.54 6.04 -5.67
CA MET A 201 -7.18 5.55 -5.89
C MET A 201 -6.59 4.81 -4.68
N TYR A 202 -7.31 4.82 -3.53
CA TYR A 202 -6.70 4.27 -2.34
C TYR A 202 -6.54 2.75 -2.52
N GLY A 203 -5.34 2.22 -2.21
CA GLY A 203 -5.09 0.80 -2.24
C GLY A 203 -5.07 0.16 -3.61
N VAL A 204 -4.94 0.99 -4.63
CA VAL A 204 -4.88 0.50 -6.00
C VAL A 204 -3.45 0.49 -6.51
N ASN A 205 -3.04 -0.68 -7.10
CA ASN A 205 -1.73 -0.82 -7.72
C ASN A 205 -1.97 -0.75 -9.20
N TYR A 206 -1.41 0.26 -9.85
CA TYR A 206 -1.60 0.47 -11.27
C TYR A 206 -0.44 -0.08 -12.10
N PHE A 207 -0.80 -0.73 -13.22
CA PHE A 207 0.13 -1.18 -14.25
C PHE A 207 -0.30 -0.65 -15.60
N SER A 208 0.68 -0.09 -16.36
CA SER A 208 0.46 0.22 -17.76
C SER A 208 0.26 -1.07 -18.57
N ILE A 209 -0.86 -1.15 -19.29
CA ILE A 209 -1.15 -2.25 -20.20
C ILE A 209 -1.67 -1.74 -21.55
N LYS A 210 -1.74 -2.70 -22.50
CA LYS A 210 -2.49 -2.49 -23.72
C LYS A 210 -3.52 -3.57 -23.99
N ASN A 211 -4.51 -3.20 -24.77
CA ASN A 211 -5.48 -4.18 -25.25
C ASN A 211 -5.00 -4.80 -26.58
N LYS A 212 -5.85 -5.69 -27.11
CA LYS A 212 -5.46 -6.46 -28.28
C LYS A 212 -5.29 -5.59 -29.54
N LYS A 213 -5.77 -4.34 -29.55
CA LYS A 213 -5.51 -3.46 -30.70
C LYS A 213 -4.31 -2.56 -30.43
N GLY A 214 -3.67 -2.70 -29.25
CA GLY A 214 -2.54 -1.84 -28.97
C GLY A 214 -2.90 -0.52 -28.27
N SER A 215 -4.15 -0.37 -27.83
CA SER A 215 -4.56 0.86 -27.16
C SER A 215 -4.10 0.83 -25.69
N GLU A 216 -3.58 1.95 -25.21
CA GLU A 216 -3.08 2.07 -23.85
C GLU A 216 -4.22 2.19 -22.84
N LEU A 217 -4.05 1.43 -21.79
CA LEU A 217 -4.97 1.40 -20.66
C LEU A 217 -4.15 1.26 -19.39
N TRP A 218 -4.86 1.21 -18.22
CA TRP A 218 -4.30 0.74 -16.97
C TRP A 218 -5.05 -0.45 -16.39
N LEU A 219 -4.26 -1.32 -15.77
CA LEU A 219 -4.80 -2.33 -14.87
C LEU A 219 -4.64 -1.72 -13.50
N GLY A 220 -5.69 -1.82 -12.69
CA GLY A 220 -5.54 -1.71 -11.25
C GLY A 220 -5.83 -3.04 -10.54
N VAL A 221 -4.96 -3.39 -9.59
CA VAL A 221 -5.15 -4.55 -8.72
C VAL A 221 -5.36 -4.05 -7.30
N ASP A 222 -6.42 -4.52 -6.66
CA ASP A 222 -6.73 -4.06 -5.30
C ASP A 222 -7.28 -5.22 -4.48
N ALA A 223 -7.69 -4.92 -3.25
CA ALA A 223 -8.15 -5.99 -2.37
C ALA A 223 -9.32 -6.78 -2.92
N LEU A 224 -10.21 -6.13 -3.69
CA LEU A 224 -11.44 -6.77 -4.16
C LEU A 224 -11.36 -7.40 -5.56
N GLY A 225 -10.31 -7.10 -6.34
CA GLY A 225 -10.18 -7.65 -7.68
C GLY A 225 -9.35 -6.77 -8.61
N LEU A 226 -9.73 -6.83 -9.89
CA LEU A 226 -9.01 -6.14 -10.95
C LEU A 226 -9.96 -5.13 -11.58
N ASN A 227 -9.36 -4.02 -11.97
CA ASN A 227 -10.08 -3.02 -12.72
C ASN A 227 -9.28 -2.59 -13.95
N ILE A 228 -10.04 -2.28 -14.99
CA ILE A 228 -9.41 -1.76 -16.21
C ILE A 228 -9.82 -0.28 -16.33
N TYR A 229 -8.84 0.60 -16.63
CA TYR A 229 -9.07 2.02 -16.72
C TYR A 229 -8.66 2.53 -18.11
N GLU A 230 -9.40 3.57 -18.54
CA GLU A 230 -8.99 4.41 -19.63
C GLU A 230 -7.63 5.00 -19.31
N GLN A 231 -6.83 5.22 -20.34
CA GLN A 231 -5.48 5.73 -20.15
CA GLN A 231 -5.48 5.74 -20.17
C GLN A 231 -5.51 7.06 -19.41
N ASN A 232 -6.54 7.91 -19.69
CA ASN A 232 -6.62 9.27 -19.17
C ASN A 232 -7.47 9.33 -17.89
N ASP A 233 -7.87 8.19 -17.31
CA ASP A 233 -8.70 8.25 -16.11
C ASP A 233 -8.44 7.04 -15.19
N ARG A 234 -7.65 7.30 -14.13
CA ARG A 234 -7.34 6.28 -13.13
C ARG A 234 -8.34 6.30 -11.98
N LEU A 235 -9.47 7.05 -12.13
CA LEU A 235 -10.43 7.11 -11.03
C LEU A 235 -11.58 6.15 -11.21
N THR A 236 -12.29 6.25 -12.34
CA THR A 236 -13.49 5.50 -12.60
C THR A 236 -13.15 4.30 -13.49
N PRO A 237 -13.26 3.03 -13.02
CA PRO A 237 -13.02 1.88 -13.91
C PRO A 237 -13.96 1.84 -15.11
N LYS A 238 -13.36 1.61 -16.29
CA LYS A 238 -14.04 1.23 -17.53
C LYS A 238 -14.76 -0.09 -17.32
N ILE A 239 -14.08 -1.07 -16.72
CA ILE A 239 -14.59 -2.43 -16.48
C ILE A 239 -14.04 -2.90 -15.14
N GLY A 240 -14.87 -3.55 -14.31
CA GLY A 240 -14.43 -4.16 -13.07
C GLY A 240 -14.57 -5.69 -13.08
N PHE A 241 -13.60 -6.33 -12.46
CA PHE A 241 -13.56 -7.78 -12.33
C PHE A 241 -13.33 -8.16 -10.86
N PRO A 242 -14.41 -8.22 -10.04
CA PRO A 242 -14.29 -8.71 -8.68
C PRO A 242 -13.92 -10.19 -8.72
N TRP A 243 -13.25 -10.66 -7.67
CA TRP A 243 -12.78 -12.04 -7.65
C TRP A 243 -13.87 -13.02 -8.12
N SER A 244 -15.08 -12.85 -7.54
CA SER A 244 -16.18 -13.76 -7.72
C SER A 244 -16.58 -13.89 -9.19
N GLU A 245 -16.27 -12.90 -10.02
CA GLU A 245 -16.61 -13.02 -11.42
C GLU A 245 -15.53 -13.69 -12.29
N ILE A 246 -14.36 -14.04 -11.72
CA ILE A 246 -13.23 -14.52 -12.49
C ILE A 246 -13.13 -16.05 -12.31
N ARG A 247 -13.20 -16.78 -13.45
CA ARG A 247 -12.93 -18.23 -13.47
C ARG A 247 -11.44 -18.50 -13.41
N ASN A 248 -10.68 -17.87 -14.30
CA ASN A 248 -9.25 -17.96 -14.26
C ASN A 248 -8.67 -16.74 -14.94
N ILE A 249 -7.40 -16.47 -14.69
CA ILE A 249 -6.60 -15.61 -15.54
C ILE A 249 -5.50 -16.47 -16.15
N SER A 250 -5.42 -16.42 -17.48
CA SER A 250 -4.42 -17.21 -18.24
C SER A 250 -3.30 -16.30 -18.71
N PHE A 251 -2.09 -16.61 -18.27
CA PHE A 251 -0.91 -15.81 -18.59
C PHE A 251 -0.11 -16.56 -19.68
N ASN A 252 0.41 -15.80 -20.63
CA ASN A 252 1.21 -16.39 -21.70
C ASN A 252 2.17 -15.31 -22.14
N ASP A 253 3.45 -15.47 -21.79
CA ASP A 253 4.48 -14.47 -22.06
C ASP A 253 4.01 -13.13 -21.48
N LYS A 254 3.73 -12.13 -22.32
CA LYS A 254 3.29 -10.81 -21.84
C LYS A 254 1.77 -10.65 -21.79
N LYS A 255 1.03 -11.64 -22.26
CA LYS A 255 -0.43 -11.60 -22.38
CA LYS A 255 -0.42 -11.56 -22.36
C LYS A 255 -1.03 -12.13 -21.08
N PHE A 256 -2.13 -11.48 -20.64
CA PHE A 256 -2.98 -12.12 -19.66
C PHE A 256 -4.42 -11.99 -20.15
N VAL A 257 -5.19 -13.03 -19.92
CA VAL A 257 -6.55 -13.18 -20.39
C VAL A 257 -7.45 -13.47 -19.18
N ILE A 258 -8.41 -12.57 -18.94
CA ILE A 258 -9.36 -12.75 -17.84
C ILE A 258 -10.56 -13.49 -18.41
N LYS A 259 -10.81 -14.65 -17.84
CA LYS A 259 -11.89 -15.51 -18.32
C LYS A 259 -12.99 -15.55 -17.28
N PRO A 260 -14.21 -15.18 -17.67
CA PRO A 260 -15.32 -15.08 -16.72
C PRO A 260 -15.93 -16.40 -16.28
N ILE A 261 -16.64 -16.35 -15.14
CA ILE A 261 -17.41 -17.45 -14.59
C ILE A 261 -18.56 -17.70 -15.57
N ASP A 262 -19.22 -16.58 -15.91
CA ASP A 262 -20.23 -16.50 -16.95
C ASP A 262 -19.62 -16.89 -18.30
N LYS A 263 -19.83 -18.14 -18.74
CA LYS A 263 -19.29 -18.63 -20.01
C LYS A 263 -19.97 -17.98 -21.21
N LYS A 264 -21.16 -17.38 -20.99
CA LYS A 264 -21.85 -16.56 -21.99
C LYS A 264 -21.30 -15.13 -21.98
N ALA A 265 -20.20 -14.88 -21.27
CA ALA A 265 -19.48 -13.61 -21.38
C ALA A 265 -18.20 -13.84 -22.18
N PRO A 266 -17.58 -12.77 -22.72
CA PRO A 266 -16.38 -12.91 -23.53
C PRO A 266 -15.16 -12.93 -22.60
N ASP A 267 -14.02 -13.39 -23.14
CA ASP A 267 -12.71 -13.23 -22.50
C ASP A 267 -12.19 -11.81 -22.69
N PHE A 268 -11.32 -11.34 -21.78
CA PHE A 268 -10.71 -10.05 -21.98
C PHE A 268 -9.18 -10.19 -22.03
N VAL A 269 -8.59 -9.74 -23.12
CA VAL A 269 -7.18 -9.92 -23.38
C VAL A 269 -6.47 -8.58 -23.22
N PHE A 270 -5.38 -8.62 -22.44
CA PHE A 270 -4.48 -7.50 -22.30
C PHE A 270 -3.03 -7.93 -22.35
N TYR A 271 -2.17 -6.93 -22.48
CA TYR A 271 -0.74 -7.15 -22.52
C TYR A 271 0.01 -6.25 -21.54
N ALA A 272 0.90 -6.85 -20.75
CA ALA A 272 1.91 -6.13 -19.99
C ALA A 272 3.08 -5.79 -20.88
N PRO A 273 3.85 -4.72 -20.57
CA PRO A 273 4.94 -4.27 -21.43
C PRO A 273 6.15 -5.20 -21.40
N ARG A 274 6.28 -6.00 -20.32
CA ARG A 274 7.46 -6.86 -20.10
C ARG A 274 6.97 -8.13 -19.45
N LEU A 275 7.74 -9.23 -19.64
CA LEU A 275 7.40 -10.50 -19.00
C LEU A 275 7.43 -10.35 -17.46
N ARG A 276 8.45 -9.66 -16.94
CA ARG A 276 8.64 -9.55 -15.50
C ARG A 276 7.41 -8.87 -14.90
N ILE A 277 6.83 -7.92 -15.68
CA ILE A 277 5.67 -7.18 -15.18
CA ILE A 277 5.67 -7.17 -15.20
C ILE A 277 4.46 -8.12 -15.11
N ASN A 278 4.22 -8.92 -16.17
CA ASN A 278 3.13 -9.88 -16.15
C ASN A 278 3.23 -10.80 -14.95
N LYS A 279 4.48 -11.24 -14.64
CA LYS A 279 4.68 -12.10 -13.49
C LYS A 279 4.32 -11.36 -12.19
N ARG A 280 4.70 -10.09 -12.09
CA ARG A 280 4.36 -9.28 -10.93
CA ARG A 280 4.36 -9.28 -10.93
C ARG A 280 2.85 -9.13 -10.79
N ILE A 281 2.13 -8.93 -11.90
CA ILE A 281 0.66 -8.87 -11.89
C ILE A 281 0.06 -10.14 -11.28
N LEU A 282 0.51 -11.31 -11.76
CA LEU A 282 -0.01 -12.53 -11.15
C LEU A 282 0.22 -12.60 -9.63
N ALA A 283 1.46 -12.33 -9.22
CA ALA A 283 1.82 -12.50 -7.84
C ALA A 283 0.98 -11.59 -6.95
N LEU A 284 0.74 -10.35 -7.42
CA LEU A 284 0.01 -9.40 -6.57
C LEU A 284 -1.47 -9.75 -6.53
N CYS A 285 -2.00 -10.29 -7.63
CA CYS A 285 -3.36 -10.81 -7.66
C CYS A 285 -3.52 -11.96 -6.67
N MET A 286 -2.57 -12.90 -6.67
CA MET A 286 -2.67 -14.06 -5.80
C MET A 286 -2.61 -13.66 -4.34
N GLY A 287 -1.70 -12.71 -4.02
CA GLY A 287 -1.60 -12.21 -2.66
C GLY A 287 -2.87 -11.54 -2.13
N ASN A 288 -3.41 -10.68 -2.98
CA ASN A 288 -4.62 -9.94 -2.62
C ASN A 288 -5.76 -10.93 -2.42
N HIS A 289 -5.92 -11.84 -3.39
CA HIS A 289 -7.00 -12.80 -3.30
C HIS A 289 -6.87 -13.68 -2.06
N GLU A 290 -5.63 -14.03 -1.65
CA GLU A 290 -5.47 -14.83 -0.44
C GLU A 290 -6.00 -14.07 0.79
N LEU A 291 -5.63 -12.79 0.92
CA LEU A 291 -6.05 -11.99 2.07
C LEU A 291 -7.55 -11.73 2.07
N TYR A 292 -8.12 -11.62 0.86
CA TYR A 292 -9.54 -11.52 0.66
C TYR A 292 -10.23 -12.71 1.31
N MET A 293 -9.76 -13.93 1.03
CA MET A 293 -10.33 -15.14 1.61
C MET A 293 -10.09 -15.19 3.13
N ARG A 294 -8.90 -14.76 3.55
CA ARG A 294 -8.50 -14.91 4.94
CA ARG A 294 -8.46 -14.87 4.94
C ARG A 294 -9.35 -14.00 5.83
N ARG A 295 -9.58 -12.73 5.40
CA ARG A 295 -10.29 -11.78 6.27
C ARG A 295 -11.76 -12.16 6.45
N ARG A 296 -12.29 -12.98 5.55
CA ARG A 296 -13.64 -13.50 5.66
C ARG A 296 -13.76 -14.75 6.55
N LYS A 297 -12.64 -15.39 6.88
CA LYS A 297 -12.66 -16.45 7.88
C LYS A 297 -12.60 -15.83 9.28
N PRO A 298 -13.01 -16.60 10.32
CA PRO A 298 -12.95 -16.10 11.71
C PRO A 298 -11.50 -15.77 12.10
N ASP A 299 -11.38 -14.77 12.99
CA ASP A 299 -10.09 -14.33 13.46
C ASP A 299 -9.30 -15.51 14.05
N THR A 300 -8.00 -15.56 13.77
CA THR A 300 -7.08 -16.47 14.44
C THR A 300 -7.04 -16.15 15.94
N ILE A 301 -6.57 -17.09 16.78
CA ILE A 301 -6.31 -16.82 18.20
C ILE A 301 -5.46 -15.56 18.40
N GLU A 302 -4.36 -15.42 17.64
CA GLU A 302 -3.43 -14.31 17.77
C GLU A 302 -4.21 -13.00 17.58
N VAL A 303 -5.04 -12.96 16.53
CA VAL A 303 -5.83 -11.78 16.25
C VAL A 303 -6.85 -11.58 17.37
N GLN A 304 -7.51 -12.63 17.84
CA GLN A 304 -8.53 -12.46 18.89
C GLN A 304 -7.93 -11.86 20.15
N GLN A 305 -6.67 -12.22 20.44
CA GLN A 305 -5.97 -11.68 21.59
C GLN A 305 -5.51 -10.24 21.37
N MET A 306 -4.98 -9.94 20.17
CA MET A 306 -4.58 -8.58 19.89
C MET A 306 -5.78 -7.63 20.04
N LYS A 307 -6.99 -8.08 19.63
CA LYS A 307 -8.16 -7.22 19.64
C LYS A 307 -8.63 -6.98 21.08
N ALA A 308 -8.56 -8.05 21.91
CA ALA A 308 -8.82 -7.96 23.34
C ALA A 308 -7.81 -7.03 24.01
N GLN A 309 -6.49 -7.24 23.77
CA GLN A 309 -5.44 -6.41 24.35
C GLN A 309 -5.67 -4.93 24.03
N ALA A 310 -6.18 -4.65 22.80
CA ALA A 310 -6.37 -3.31 22.25
C ALA A 310 -7.52 -2.57 22.93
N ARG A 311 -8.67 -3.22 23.17
CA ARG A 311 -9.77 -2.51 23.82
C ARG A 311 -9.65 -2.57 25.34
N GLU A 312 -8.75 -3.41 25.86
CA GLU A 312 -8.27 -3.35 27.25
C GLU A 312 -7.57 -2.01 27.52
N GLU A 313 -6.96 -1.44 26.47
CA GLU A 313 -6.14 -0.24 26.56
C GLU A 313 -7.00 0.99 26.27
N LYS A 314 -8.01 1.22 27.13
CA LYS A 314 -8.96 2.31 27.00
C LYS A 314 -9.36 2.78 28.41
N GLY B 4 16.83 -20.14 4.66
CA GLY B 4 15.62 -20.42 5.46
C GLY B 4 14.63 -21.28 4.68
N SER B 5 13.55 -21.69 5.35
CA SER B 5 12.63 -22.61 4.72
C SER B 5 11.27 -21.94 4.49
N TRP B 6 11.18 -20.61 4.58
CA TRP B 6 9.92 -19.94 4.24
C TRP B 6 9.67 -20.09 2.74
N LYS B 7 8.50 -20.59 2.38
CA LYS B 7 8.25 -20.96 1.00
C LYS B 7 7.41 -19.92 0.23
N TYR B 8 6.96 -18.84 0.88
CA TYR B 8 5.96 -17.98 0.23
C TYR B 8 6.52 -16.60 -0.06
N PRO B 9 5.99 -15.91 -1.10
CA PRO B 9 6.60 -14.64 -1.51
C PRO B 9 6.37 -13.42 -0.61
N ASP B 10 5.27 -13.48 0.17
CA ASP B 10 4.90 -12.47 1.14
C ASP B 10 4.86 -13.09 2.55
N ALA B 11 4.36 -12.33 3.52
CA ALA B 11 4.56 -12.67 4.92
C ALA B 11 3.37 -13.48 5.44
N PHE B 12 2.70 -14.22 4.57
CA PHE B 12 1.59 -15.06 4.95
C PHE B 12 1.62 -16.24 3.97
N GLU B 13 1.01 -17.36 4.38
CA GLU B 13 0.94 -18.53 3.52
C GLU B 13 -0.09 -18.32 2.41
N LEU B 14 0.20 -18.91 1.25
CA LEU B 14 -0.75 -19.01 0.16
C LEU B 14 -1.43 -20.38 0.16
N SER B 15 -2.76 -20.44 0.07
CA SER B 15 -3.44 -21.74 0.09
C SER B 15 -3.57 -22.26 -1.34
N GLY B 16 -4.14 -23.47 -1.49
CA GLY B 16 -4.44 -24.03 -2.79
C GLY B 16 -3.37 -25.02 -3.23
N GLY C 3 11.58 -20.72 -19.69
CA GLY C 3 12.66 -19.71 -19.59
C GLY C 3 12.72 -18.83 -20.85
N GLY C 4 13.84 -18.11 -20.96
N GLY C 4 13.74 -17.98 -20.99
CA GLY C 4 13.97 -16.98 -21.86
CA GLY C 4 13.94 -17.22 -22.23
C GLY C 4 12.70 -16.13 -21.86
C GLY C 4 13.05 -15.98 -22.32
N SER C 5 12.10 -16.02 -23.06
N SER C 5 12.06 -16.00 -23.25
CA SER C 5 10.96 -15.16 -23.34
CA SER C 5 10.95 -15.05 -23.20
C SER C 5 9.66 -15.79 -22.83
C SER C 5 9.63 -15.80 -22.95
N SER C 6 9.73 -17.05 -22.47
CA SER C 6 8.61 -17.94 -22.50
C SER C 6 8.10 -18.14 -21.07
N TRP C 7 6.77 -18.01 -20.92
CA TRP C 7 6.08 -18.31 -19.68
C TRP C 7 4.64 -18.69 -19.97
N GLU C 8 4.11 -19.66 -19.23
CA GLU C 8 2.67 -19.86 -19.26
C GLU C 8 2.19 -20.27 -17.86
N TYR C 9 1.00 -19.79 -17.49
CA TYR C 9 0.48 -20.14 -16.18
C TYR C 9 -1.02 -19.87 -16.19
N ILE C 10 -1.82 -20.83 -15.73
CA ILE C 10 -3.25 -20.60 -15.59
C ILE C 10 -3.56 -20.49 -14.11
N TRP C 11 -4.00 -19.30 -13.69
CA TRP C 11 -4.45 -19.10 -12.32
C TRP C 11 -5.96 -19.32 -12.22
N THR C 12 -6.33 -20.43 -11.56
CA THR C 12 -7.73 -20.82 -11.43
C THR C 12 -8.20 -20.48 -10.04
N LEU C 13 -9.26 -19.70 -9.94
CA LEU C 13 -9.74 -19.30 -8.62
C LEU C 13 -10.55 -20.44 -8.01
N PRO C 14 -10.57 -20.56 -6.66
CA PRO C 14 -11.33 -21.62 -5.99
C PRO C 14 -12.77 -21.59 -6.46
N SER C 15 -13.35 -22.77 -6.70
CA SER C 15 -14.77 -22.89 -6.94
C SER C 15 -15.47 -22.86 -5.59
N GLY C 16 -16.77 -22.53 -5.57
CA GLY C 16 -17.55 -22.57 -4.34
C GLY C 16 -17.35 -23.87 -3.59
N ALA D 1 12.78 7.21 14.78
CA ALA D 1 13.71 6.32 15.50
C ALA D 1 14.87 5.99 14.59
N ALA D 2 16.04 5.74 15.18
CA ALA D 2 17.12 5.23 14.38
C ALA D 2 17.82 4.16 15.22
N ALA D 3 18.01 2.96 14.65
CA ALA D 3 18.81 1.86 15.23
C ALA D 3 19.97 1.63 14.28
N ALA D 4 21.22 1.57 14.81
CA ALA D 4 22.34 1.15 13.95
C ALA D 4 23.21 0.16 14.72
N ALA D 5 23.65 -0.92 14.02
CA ALA D 5 24.51 -2.03 14.50
C ALA D 5 25.97 -1.58 14.62
N GLY D 6 26.29 -0.26 14.30
CA GLY D 6 27.62 0.22 14.70
C GLY D 6 28.29 -0.70 15.71
#